data_8H9Z
#
_entry.id   8H9Z
#
_cell.length_a   69.328
_cell.length_b   134.651
_cell.length_c   79.807
_cell.angle_alpha   90.000
_cell.angle_beta   90.000
_cell.angle_gamma   90.000
#
_symmetry.space_group_name_H-M   'C 2 2 21'
#
loop_
_entity.id
_entity.type
_entity.pdbx_description
1 polymer 'Annexin A5'
2 non-polymer 'CALCIUM ION'
3 water water
#
_entity_poly.entity_id   1
_entity_poly.type   'polypeptide(L)'
_entity_poly.pdbx_seq_one_letter_code
;GAQVLRGTVTDFPGFDERADAETLRKAMKGLGTDEESILTLLTSRSNAQRQEISAAFKTLFGRDLLDDLKSELTGKFEKL
IVALMKPSRLYDAYELKHALKGAGTNEKVLTEIIASRTPEELRAIKQVYEEEYGSSLEDDVVGDTSGYYQRMLVVLLQAN
RDPDAGIDEAQVEQDAQALFQAGELKWGTDEEKFITIFGTRSVSHLRKVFDKYMTISGFQIEETIDRETSGNLEQLLLAV
VKSIRSIPAYLAETLYYAMKGAGTDDHTLIRVMVSRSEIDLFNIRKEFRKNFATSLYSMIKGDTSGDYKKALLLLCGEDD
C
;
_entity_poly.pdbx_strand_id   A
#
loop_
_chem_comp.id
_chem_comp.type
_chem_comp.name
_chem_comp.formula
CA non-polymer 'CALCIUM ION' 'Ca 2'
#
# COMPACT_ATOMS: atom_id res chain seq x y z
N GLN A 3 2.57 16.00 -13.66
CA GLN A 3 3.99 15.64 -13.57
C GLN A 3 4.40 15.33 -12.13
N VAL A 4 3.41 15.16 -11.24
CA VAL A 4 3.67 14.83 -9.85
C VAL A 4 2.67 13.80 -9.34
N LEU A 5 3.08 13.05 -8.30
CA LEU A 5 2.17 12.05 -7.70
C LEU A 5 1.29 12.76 -6.67
N ARG A 6 -0.02 12.54 -6.76
CA ARG A 6 -0.94 13.27 -5.89
C ARG A 6 -1.89 12.33 -5.16
N GLY A 7 -2.19 12.77 -3.97
CA GLY A 7 -3.10 12.08 -3.08
C GLY A 7 -4.46 12.75 -3.09
N THR A 8 -5.39 12.26 -2.20
CA THR A 8 -6.78 12.82 -2.19
C THR A 8 -7.02 13.61 -0.91
N VAL A 9 -6.02 13.68 -0.02
CA VAL A 9 -6.18 14.36 1.27
C VAL A 9 -5.04 15.36 1.41
N THR A 10 -5.39 16.62 1.65
CA THR A 10 -4.41 17.67 1.90
C THR A 10 -4.79 18.39 3.18
N ASP A 11 -3.83 19.17 3.69
CA ASP A 11 -4.04 19.93 4.92
C ASP A 11 -5.30 20.79 4.81
N PHE A 12 -6.13 20.75 5.86
CA PHE A 12 -7.33 21.56 5.91
C PHE A 12 -6.95 23.02 6.16
N PRO A 13 -7.40 23.96 5.35
CA PRO A 13 -7.01 25.36 5.52
C PRO A 13 -7.76 26.02 6.68
N GLY A 14 -7.05 26.90 7.39
CA GLY A 14 -7.61 27.49 8.58
C GLY A 14 -7.68 26.55 9.76
N PHE A 15 -6.88 25.49 9.75
CA PHE A 15 -7.00 24.42 10.72
C PHE A 15 -6.81 24.93 12.15
N ASP A 16 -7.75 24.56 13.02
CA ASP A 16 -7.70 24.88 14.45
C ASP A 16 -7.88 23.57 15.20
N GLU A 17 -6.78 23.05 15.77
CA GLU A 17 -6.82 21.74 16.42
C GLU A 17 -7.76 21.73 17.61
N ARG A 18 -7.90 22.85 18.32
CA ARG A 18 -8.75 22.89 19.49
C ARG A 18 -10.22 22.87 19.10
N ALA A 19 -10.59 23.62 18.06
CA ALA A 19 -11.98 23.58 17.60
C ALA A 19 -12.35 22.18 17.10
N ASP A 20 -11.44 21.55 16.34
CA ASP A 20 -11.70 20.20 15.85
C ASP A 20 -11.84 19.19 16.99
N ALA A 21 -10.98 19.29 17.99
CA ALA A 21 -11.14 18.44 19.18
C ALA A 21 -12.49 18.64 19.82
N GLU A 22 -12.95 19.90 19.91
CA GLU A 22 -14.27 20.17 20.47
C GLU A 22 -15.37 19.56 19.62
N THR A 23 -15.23 19.65 18.30
CA THR A 23 -16.23 19.07 17.41
C THR A 23 -16.33 17.56 17.58
N LEU A 24 -15.18 16.88 17.71
CA LEU A 24 -15.19 15.42 17.90
C LEU A 24 -15.75 15.04 19.26
N ARG A 25 -15.38 15.79 20.30
CA ARG A 25 -15.92 15.50 21.63
C ARG A 25 -17.42 15.73 21.68
N LYS A 26 -17.90 16.80 21.05
CA LYS A 26 -19.34 17.03 20.95
C LYS A 26 -20.04 15.87 20.22
N ALA A 27 -19.38 15.32 19.20
CA ALA A 27 -19.97 14.23 18.43
C ALA A 27 -20.05 12.93 19.22
N MET A 28 -19.29 12.78 20.32
CA MET A 28 -19.35 11.54 21.10
C MET A 28 -19.87 11.70 22.52
N LYS A 29 -19.77 12.88 23.12
CA LYS A 29 -20.20 13.05 24.51
C LYS A 29 -21.70 12.75 24.65
N GLY A 30 -22.03 11.87 25.59
CA GLY A 30 -23.41 11.46 25.79
C GLY A 30 -23.69 10.08 25.23
N LEU A 31 -24.97 9.71 25.29
CA LEU A 31 -25.38 8.37 24.86
C LEU A 31 -25.39 8.21 23.34
N GLY A 32 -25.48 9.32 22.58
CA GLY A 32 -25.54 9.24 21.15
C GLY A 32 -24.17 9.38 20.50
N THR A 33 -24.17 9.27 19.18
CA THR A 33 -22.96 9.48 18.40
C THR A 33 -23.32 10.22 17.12
N ASP A 34 -22.48 11.18 16.75
CA ASP A 34 -22.60 11.87 15.46
C ASP A 34 -21.52 11.34 14.51
N GLU A 35 -21.79 10.17 13.91
CA GLU A 35 -20.80 9.58 13.01
C GLU A 35 -20.50 10.48 11.83
N GLU A 36 -21.53 11.14 11.29
CA GLU A 36 -21.34 12.02 10.13
C GLU A 36 -20.29 13.10 10.42
N SER A 37 -20.43 13.75 11.57
CA SER A 37 -19.45 14.78 11.97
C SER A 37 -18.03 14.18 12.09
N ILE A 38 -17.95 12.99 12.67
CA ILE A 38 -16.65 12.37 12.87
C ILE A 38 -15.97 12.07 11.53
N LEU A 39 -16.69 11.42 10.62
CA LEU A 39 -16.06 11.01 9.37
C LEU A 39 -15.79 12.20 8.44
N THR A 40 -16.66 13.21 8.45
CA THR A 40 -16.45 14.38 7.61
C THR A 40 -15.21 15.16 8.05
N LEU A 41 -15.07 15.37 9.35
CA LEU A 41 -13.88 16.05 9.86
C LEU A 41 -12.62 15.23 9.61
N LEU A 42 -12.62 13.95 10.03
CA LEU A 42 -11.37 13.19 9.99
C LEU A 42 -10.88 12.95 8.57
N THR A 43 -11.79 12.72 7.61
CA THR A 43 -11.35 12.54 6.22
C THR A 43 -10.95 13.83 5.54
N SER A 44 -11.29 14.99 6.10
CA SER A 44 -10.91 16.27 5.50
C SER A 44 -9.73 16.94 6.20
N ARG A 45 -9.16 16.32 7.22
CA ARG A 45 -7.93 16.77 7.85
C ARG A 45 -6.82 15.80 7.45
N SER A 46 -5.61 16.33 7.26
CA SER A 46 -4.49 15.47 6.93
C SER A 46 -4.08 14.64 8.15
N ASN A 47 -3.22 13.64 7.91
CA ASN A 47 -2.81 12.76 9.00
C ASN A 47 -2.07 13.54 10.08
N ALA A 48 -1.18 14.46 9.68
CA ALA A 48 -0.50 15.29 10.68
C ALA A 48 -1.51 16.11 11.49
N GLN A 49 -2.54 16.65 10.83
CA GLN A 49 -3.58 17.39 11.54
C GLN A 49 -4.32 16.50 12.52
N ARG A 50 -4.59 15.25 12.15
CA ARG A 50 -5.26 14.33 13.08
C ARG A 50 -4.43 14.11 14.34
N GLN A 51 -3.10 14.06 14.21
CA GLN A 51 -2.27 13.87 15.39
C GLN A 51 -2.32 15.09 16.30
N GLU A 52 -2.39 16.28 15.71
CA GLU A 52 -2.53 17.49 16.52
C GLU A 52 -3.90 17.57 17.19
N ILE A 53 -4.95 17.10 16.49
CA ILE A 53 -6.28 17.05 17.11
C ILE A 53 -6.26 16.12 18.32
N SER A 54 -5.66 14.95 18.16
CA SER A 54 -5.60 13.99 19.25
C SER A 54 -4.86 14.55 20.45
N ALA A 55 -3.80 15.34 20.21
CA ALA A 55 -3.08 15.96 21.32
C ALA A 55 -3.92 17.05 21.99
N ALA A 56 -4.61 17.86 21.20
CA ALA A 56 -5.46 18.90 21.78
C ALA A 56 -6.63 18.30 22.55
N PHE A 57 -7.16 17.18 22.05
CA PHE A 57 -8.24 16.46 22.71
C PHE A 57 -7.83 16.02 24.11
N LYS A 58 -6.65 15.41 24.24
CA LYS A 58 -6.16 14.98 25.55
C LYS A 58 -5.93 16.17 26.48
N THR A 59 -5.38 17.26 25.95
CA THR A 59 -5.16 18.45 26.78
C THR A 59 -6.48 19.08 27.21
N LEU A 60 -7.44 19.21 26.28
CA LEU A 60 -8.69 19.88 26.59
C LEU A 60 -9.54 19.05 27.56
N PHE A 61 -9.54 17.73 27.40
CA PHE A 61 -10.54 16.89 28.06
C PHE A 61 -10.00 15.84 29.01
N GLY A 62 -8.69 15.58 29.03
CA GLY A 62 -8.19 14.50 29.84
C GLY A 62 -8.67 13.13 29.40
N ARG A 63 -8.93 12.96 28.11
CA ARG A 63 -9.36 11.69 27.56
C ARG A 63 -8.49 11.34 26.36
N ASP A 64 -8.54 10.07 25.96
CA ASP A 64 -7.79 9.60 24.81
C ASP A 64 -8.74 9.48 23.63
N LEU A 65 -8.46 10.26 22.57
CA LEU A 65 -9.32 10.27 21.40
C LEU A 65 -9.44 8.90 20.75
N LEU A 66 -8.33 8.18 20.62
CA LEU A 66 -8.38 6.85 19.98
C LEU A 66 -9.24 5.88 20.80
N ASP A 67 -9.06 5.87 22.12
CA ASP A 67 -9.90 5.02 22.96
C ASP A 67 -11.38 5.34 22.76
N ASP A 68 -11.72 6.63 22.74
CA ASP A 68 -13.12 7.03 22.58
C ASP A 68 -13.67 6.57 21.23
N LEU A 69 -12.89 6.75 20.16
CA LEU A 69 -13.33 6.29 18.85
C LEU A 69 -13.53 4.78 18.85
N LYS A 70 -12.67 4.04 19.55
CA LYS A 70 -12.75 2.59 19.52
C LYS A 70 -14.02 2.08 20.19
N SER A 71 -14.46 2.72 21.28
CA SER A 71 -15.72 2.29 21.88
C SER A 71 -16.93 2.93 21.21
N GLU A 72 -16.79 4.14 20.69
CA GLU A 72 -17.94 4.81 20.08
C GLU A 72 -18.32 4.23 18.72
N LEU A 73 -17.35 3.76 17.94
CA LEU A 73 -17.59 3.30 16.59
C LEU A 73 -17.53 1.78 16.55
N THR A 74 -18.07 1.17 15.49
CA THR A 74 -18.05 -0.28 15.38
C THR A 74 -17.69 -0.72 13.97
N GLY A 75 -17.31 -2.00 13.87
CA GLY A 75 -17.21 -2.68 12.60
C GLY A 75 -16.14 -2.13 11.66
N LYS A 76 -16.45 -2.18 10.37
CA LYS A 76 -15.54 -1.71 9.35
C LYS A 76 -15.34 -0.20 9.45
N PHE A 77 -16.38 0.55 9.83
CA PHE A 77 -16.24 1.98 10.04
C PHE A 77 -15.19 2.28 11.11
N GLU A 78 -15.26 1.58 12.24
CA GLU A 78 -14.22 1.72 13.26
C GLU A 78 -12.84 1.37 12.70
N LYS A 79 -12.74 0.27 11.97
CA LYS A 79 -11.46 -0.14 11.41
C LYS A 79 -10.86 0.95 10.53
N LEU A 80 -11.69 1.56 9.68
CA LEU A 80 -11.20 2.61 8.78
C LEU A 80 -10.76 3.85 9.55
N ILE A 81 -11.57 4.31 10.50
CA ILE A 81 -11.23 5.50 11.29
C ILE A 81 -9.93 5.25 12.07
N VAL A 82 -9.80 4.08 12.69
CA VAL A 82 -8.60 3.78 13.46
C VAL A 82 -7.38 3.78 12.55
N ALA A 83 -7.54 3.21 11.35
CA ALA A 83 -6.43 3.23 10.39
C ALA A 83 -6.05 4.65 10.00
N LEU A 84 -7.04 5.52 9.78
CA LEU A 84 -6.72 6.91 9.47
C LEU A 84 -6.00 7.61 10.62
N MET A 85 -6.20 7.17 11.86
CA MET A 85 -5.60 7.88 12.98
C MET A 85 -4.16 7.46 13.22
N LYS A 86 -3.75 6.30 12.72
CA LYS A 86 -2.38 5.85 12.92
C LYS A 86 -1.42 6.83 12.25
N PRO A 87 -0.40 7.31 12.94
CA PRO A 87 0.57 8.22 12.31
C PRO A 87 1.16 7.60 11.04
N SER A 88 1.18 8.41 9.97
CA SER A 88 1.65 7.96 8.67
C SER A 88 3.01 7.27 8.76
N ARG A 89 3.93 7.83 9.54
CA ARG A 89 5.27 7.27 9.63
C ARG A 89 5.27 5.87 10.23
N LEU A 90 4.23 5.49 10.95
CA LEU A 90 4.17 4.19 11.60
C LEU A 90 3.34 3.17 10.83
N TYR A 91 2.61 3.58 9.79
CA TYR A 91 1.53 2.74 9.27
C TYR A 91 2.08 1.49 8.58
N ASP A 92 3.04 1.65 7.68
CA ASP A 92 3.59 0.48 6.97
C ASP A 92 4.28 -0.47 7.94
N ALA A 93 5.06 0.04 8.88
CA ALA A 93 5.72 -0.82 9.85
C ALA A 93 4.71 -1.62 10.66
N TYR A 94 3.63 -0.96 11.07
CA TYR A 94 2.56 -1.63 11.79
C TYR A 94 1.94 -2.75 10.94
N GLU A 95 1.65 -2.46 9.66
CA GLU A 95 1.00 -3.47 8.82
C GLU A 95 1.91 -4.67 8.59
N LEU A 96 3.20 -4.41 8.42
CA LEU A 96 4.16 -5.50 8.29
C LEU A 96 4.21 -6.36 9.55
N LYS A 97 4.32 -5.72 10.72
CA LYS A 97 4.37 -6.48 11.97
C LYS A 97 3.09 -7.29 12.17
N HIS A 98 1.94 -6.70 11.85
CA HIS A 98 0.68 -7.42 11.96
C HIS A 98 0.62 -8.62 11.01
N ALA A 99 1.22 -8.48 9.83
CA ALA A 99 1.21 -9.55 8.84
C ALA A 99 2.14 -10.71 9.23
N LEU A 100 3.10 -10.48 10.11
CA LEU A 100 4.10 -11.48 10.45
C LEU A 100 3.61 -12.24 11.68
N LYS A 101 2.97 -13.39 11.46
CA LYS A 101 2.30 -14.13 12.54
C LYS A 101 2.60 -15.62 12.41
N GLY A 102 3.87 -15.96 12.25
CA GLY A 102 4.24 -17.37 12.21
C GLY A 102 3.67 -18.04 10.97
N ALA A 103 3.08 -19.22 11.16
CA ALA A 103 2.55 -19.99 10.04
C ALA A 103 1.29 -19.41 9.44
N GLY A 104 0.64 -18.44 10.11
CA GLY A 104 -0.53 -17.78 9.57
C GLY A 104 -0.20 -16.46 8.92
N THR A 105 1.07 -16.32 8.54
CA THR A 105 1.60 -15.05 8.05
C THR A 105 0.88 -14.61 6.77
N ASN A 106 0.61 -13.30 6.67
CA ASN A 106 -0.11 -12.73 5.54
C ASN A 106 0.90 -12.28 4.49
N GLU A 107 1.23 -13.20 3.57
CA GLU A 107 2.24 -12.91 2.56
C GLU A 107 1.76 -11.85 1.57
N LYS A 108 0.44 -11.69 1.39
CA LYS A 108 -0.05 -10.66 0.48
C LYS A 108 0.38 -9.27 0.92
N VAL A 109 0.39 -9.03 2.24
CA VAL A 109 0.75 -7.71 2.75
C VAL A 109 2.26 -7.47 2.65
N LEU A 110 3.06 -8.46 3.04
CA LEU A 110 4.51 -8.32 2.88
C LEU A 110 4.85 -7.97 1.44
N THR A 111 4.28 -8.74 0.51
CA THR A 111 4.54 -8.55 -0.92
C THR A 111 4.07 -7.18 -1.38
N GLU A 112 2.86 -6.79 -1.00
CA GLU A 112 2.30 -5.50 -1.45
C GLU A 112 3.19 -4.33 -1.03
N ILE A 113 3.54 -4.26 0.26
CA ILE A 113 4.30 -3.13 0.79
C ILE A 113 5.75 -3.16 0.30
N ILE A 114 6.39 -4.32 0.41
CA ILE A 114 7.81 -4.38 0.09
C ILE A 114 8.07 -4.19 -1.41
N ALA A 115 7.15 -4.64 -2.28
CA ALA A 115 7.33 -4.48 -3.72
C ALA A 115 7.09 -3.04 -4.20
N SER A 116 6.23 -2.30 -3.51
CA SER A 116 5.75 -1.01 -4.01
C SER A 116 6.31 0.21 -3.29
N ARG A 117 7.02 0.04 -2.18
CA ARG A 117 7.59 1.17 -1.48
C ARG A 117 8.97 1.50 -2.05
N THR A 118 9.29 2.79 -2.05
CA THR A 118 10.56 3.25 -2.61
C THR A 118 11.70 2.94 -1.64
N PRO A 119 12.96 2.99 -2.10
CA PRO A 119 14.06 2.77 -1.15
C PRO A 119 14.05 3.74 0.01
N GLU A 120 13.71 5.01 -0.23
CA GLU A 120 13.59 5.98 0.86
C GLU A 120 12.49 5.57 1.83
N GLU A 121 11.35 5.11 1.31
CA GLU A 121 10.28 4.62 2.18
C GLU A 121 10.72 3.39 2.96
N LEU A 122 11.42 2.45 2.30
CA LEU A 122 11.80 1.22 2.99
C LEU A 122 12.81 1.48 4.10
N ARG A 123 13.72 2.44 3.90
CA ARG A 123 14.68 2.76 4.95
C ARG A 123 13.98 3.32 6.17
N ALA A 124 13.04 4.24 5.97
CA ALA A 124 12.25 4.76 7.09
C ALA A 124 11.49 3.63 7.78
N ILE A 125 10.88 2.73 7.01
CA ILE A 125 10.11 1.62 7.59
C ILE A 125 11.00 0.78 8.50
N LYS A 126 12.18 0.39 8.00
CA LYS A 126 13.06 -0.47 8.78
C LYS A 126 13.49 0.21 10.08
N GLN A 127 13.79 1.51 10.03
CA GLN A 127 14.18 2.23 11.24
C GLN A 127 13.01 2.29 12.22
N VAL A 128 11.82 2.65 11.72
CA VAL A 128 10.65 2.77 12.58
C VAL A 128 10.29 1.43 13.18
N TYR A 129 10.41 0.35 12.38
CA TYR A 129 10.02 -0.98 12.83
C TYR A 129 10.83 -1.42 14.04
N GLU A 130 12.16 -1.23 13.99
CA GLU A 130 13.00 -1.59 15.13
C GLU A 130 12.62 -0.77 16.36
N GLU A 131 12.32 0.52 16.16
CA GLU A 131 11.98 1.39 17.28
C GLU A 131 10.71 0.92 17.97
N GLU A 132 9.71 0.48 17.20
CA GLU A 132 8.43 0.12 17.79
C GLU A 132 8.43 -1.29 18.37
N TYR A 133 9.14 -2.24 17.73
CA TYR A 133 8.99 -3.65 18.06
C TYR A 133 10.25 -4.32 18.58
N GLY A 134 11.38 -3.60 18.65
CA GLY A 134 12.57 -4.11 19.30
C GLY A 134 13.35 -5.15 18.52
N SER A 135 12.91 -5.52 17.32
CA SER A 135 13.64 -6.43 16.46
C SER A 135 13.71 -5.84 15.06
N SER A 136 14.61 -6.36 14.24
CA SER A 136 14.74 -5.88 12.88
C SER A 136 13.65 -6.48 12.00
N LEU A 137 13.19 -5.68 11.03
CA LEU A 137 12.22 -6.19 10.07
C LEU A 137 12.78 -7.39 9.31
N GLU A 138 14.03 -7.30 8.88
CA GLU A 138 14.66 -8.43 8.17
C GLU A 138 14.58 -9.71 8.99
N ASP A 139 14.95 -9.64 10.27
CA ASP A 139 14.96 -10.85 11.11
C ASP A 139 13.56 -11.45 11.21
N ASP A 140 12.54 -10.60 11.39
CA ASP A 140 11.18 -11.12 11.48
C ASP A 140 10.73 -11.70 10.16
N VAL A 141 11.09 -11.06 9.04
CA VAL A 141 10.72 -11.56 7.73
C VAL A 141 11.37 -12.93 7.48
N VAL A 142 12.66 -13.03 7.77
CA VAL A 142 13.38 -14.29 7.56
C VAL A 142 12.79 -15.40 8.42
N GLY A 143 12.43 -15.08 9.67
CA GLY A 143 11.90 -16.08 10.55
C GLY A 143 10.55 -16.62 10.12
N ASP A 144 9.81 -15.87 9.29
CA ASP A 144 8.43 -16.21 9.00
C ASP A 144 8.16 -16.45 7.53
N THR A 145 9.20 -16.49 6.70
CA THR A 145 9.06 -16.80 5.28
C THR A 145 10.17 -17.79 4.91
N SER A 146 10.09 -18.29 3.68
CA SER A 146 10.97 -19.38 3.28
C SER A 146 11.21 -19.30 1.78
N GLY A 147 12.12 -20.14 1.30
CA GLY A 147 12.40 -20.21 -0.12
C GLY A 147 13.05 -18.96 -0.68
N TYR A 148 13.04 -18.88 -2.02
CA TYR A 148 13.52 -17.68 -2.68
C TYR A 148 12.55 -16.52 -2.55
N TYR A 149 11.30 -16.77 -2.13
CA TYR A 149 10.44 -15.69 -1.69
C TYR A 149 11.08 -14.92 -0.55
N GLN A 150 11.51 -15.63 0.50
CA GLN A 150 12.25 -15.00 1.59
C GLN A 150 13.42 -14.19 1.04
N ARG A 151 14.22 -14.78 0.15
CA ARG A 151 15.43 -14.14 -0.33
C ARG A 151 15.13 -12.88 -1.13
N MET A 152 14.08 -12.92 -1.96
CA MET A 152 13.69 -11.74 -2.73
C MET A 152 13.23 -10.60 -1.82
N LEU A 153 12.39 -10.90 -0.82
CA LEU A 153 12.01 -9.87 0.15
C LEU A 153 13.22 -9.27 0.83
N VAL A 154 14.19 -10.12 1.21
CA VAL A 154 15.38 -9.62 1.88
C VAL A 154 16.16 -8.68 0.97
N VAL A 155 16.32 -9.06 -0.31
CA VAL A 155 17.02 -8.19 -1.26
C VAL A 155 16.30 -6.85 -1.39
N LEU A 156 14.97 -6.89 -1.57
CA LEU A 156 14.20 -5.66 -1.67
C LEU A 156 14.32 -4.82 -0.40
N LEU A 157 14.32 -5.48 0.76
CA LEU A 157 14.45 -4.76 2.03
C LEU A 157 15.80 -4.05 2.16
N GLN A 158 16.81 -4.51 1.44
CA GLN A 158 18.11 -3.86 1.46
C GLN A 158 18.08 -2.45 0.86
N ALA A 159 17.07 -2.14 0.04
CA ALA A 159 16.85 -0.79 -0.47
C ALA A 159 18.07 -0.25 -1.23
N ASN A 160 18.66 -1.11 -2.06
CA ASN A 160 19.89 -0.80 -2.77
C ASN A 160 19.70 -0.80 -4.29
N ARG A 161 18.59 -0.23 -4.75
CA ARG A 161 18.28 -0.25 -6.16
C ARG A 161 19.06 0.84 -6.89
N ASP A 162 19.59 0.49 -8.06
CA ASP A 162 20.42 1.42 -8.83
C ASP A 162 19.64 2.70 -9.10
N PRO A 163 20.29 3.86 -9.05
CA PRO A 163 19.60 5.10 -9.43
C PRO A 163 19.44 5.19 -10.94
N ASP A 164 18.45 5.97 -11.35
CA ASP A 164 18.17 6.16 -12.77
C ASP A 164 19.34 6.88 -13.43
N ALA A 165 19.98 6.24 -14.39
CA ALA A 165 21.22 6.77 -14.98
C ALA A 165 21.21 6.50 -16.49
N GLY A 166 22.39 6.57 -17.09
CA GLY A 166 22.48 6.45 -18.55
C GLY A 166 22.16 5.05 -19.02
N ILE A 167 21.28 4.97 -20.01
CA ILE A 167 20.83 3.65 -20.50
C ILE A 167 22.01 2.92 -21.13
N ASP A 168 22.06 1.63 -20.88
CA ASP A 168 23.10 0.78 -21.46
C ASP A 168 22.34 -0.31 -22.20
N GLU A 169 22.20 -0.15 -23.52
CA GLU A 169 21.45 -1.12 -24.32
C GLU A 169 22.10 -2.49 -24.30
N ALA A 170 23.41 -2.57 -24.05
CA ALA A 170 24.06 -3.88 -23.95
C ALA A 170 23.59 -4.64 -22.72
N GLN A 171 23.54 -3.96 -21.57
CA GLN A 171 23.07 -4.61 -20.35
C GLN A 171 21.58 -4.93 -20.43
N VAL A 172 20.80 -4.09 -21.11
CA VAL A 172 19.37 -4.36 -21.31
C VAL A 172 19.19 -5.71 -21.99
N GLU A 173 19.82 -5.88 -23.16
CA GLU A 173 19.68 -7.12 -23.93
C GLU A 173 20.10 -8.33 -23.11
N GLN A 174 21.22 -8.23 -22.39
CA GLN A 174 21.70 -9.33 -21.58
C GLN A 174 20.71 -9.65 -20.46
N ASP A 175 20.20 -8.62 -19.79
CA ASP A 175 19.25 -8.83 -18.69
C ASP A 175 17.93 -9.42 -19.20
N ALA A 176 17.47 -8.96 -20.36
CA ALA A 176 16.22 -9.48 -20.91
C ALA A 176 16.39 -10.94 -21.33
N GLN A 177 17.54 -11.29 -21.91
CA GLN A 177 17.79 -12.69 -22.22
C GLN A 177 17.82 -13.52 -20.94
N ALA A 178 18.49 -13.02 -19.90
CA ALA A 178 18.54 -13.75 -18.65
C ALA A 178 17.15 -13.98 -18.07
N LEU A 179 16.27 -12.99 -18.21
CA LEU A 179 14.92 -13.13 -17.67
C LEU A 179 14.09 -14.08 -18.53
N PHE A 180 14.25 -14.02 -19.85
CA PHE A 180 13.56 -14.96 -20.73
C PHE A 180 13.93 -16.39 -20.37
N GLN A 181 15.23 -16.67 -20.21
CA GLN A 181 15.67 -18.01 -19.85
C GLN A 181 15.15 -18.41 -18.47
N ALA A 182 15.15 -17.46 -17.53
CA ALA A 182 14.67 -17.78 -16.19
C ALA A 182 13.20 -18.15 -16.21
N GLY A 183 12.39 -17.43 -16.99
CA GLY A 183 10.98 -17.75 -17.09
C GLY A 183 10.70 -19.04 -17.83
N GLU A 184 11.58 -19.43 -18.75
CA GLU A 184 11.43 -20.70 -19.46
C GLU A 184 11.56 -21.87 -18.49
N LEU A 185 12.34 -21.68 -17.44
CA LEU A 185 12.50 -22.65 -16.36
C LEU A 185 11.55 -22.40 -15.21
N LYS A 186 10.46 -21.66 -15.46
CA LYS A 186 9.38 -21.46 -14.49
C LYS A 186 9.86 -20.79 -13.21
N TRP A 187 10.90 -19.97 -13.30
CA TRP A 187 11.42 -19.20 -12.16
C TRP A 187 11.92 -20.11 -11.02
N GLY A 188 12.42 -21.30 -11.37
CA GLY A 188 12.88 -22.26 -10.39
C GLY A 188 14.35 -22.58 -10.48
N THR A 189 15.10 -21.83 -11.29
CA THR A 189 16.51 -22.08 -11.53
C THR A 189 17.28 -20.75 -11.48
N ASP A 190 18.47 -20.79 -10.87
CA ASP A 190 19.33 -19.61 -10.78
C ASP A 190 18.58 -18.42 -10.19
N GLU A 191 17.78 -18.69 -9.15
CA GLU A 191 16.91 -17.67 -8.58
C GLU A 191 17.70 -16.43 -8.15
N GLU A 192 18.88 -16.64 -7.55
CA GLU A 192 19.68 -15.51 -7.08
C GLU A 192 19.99 -14.55 -8.21
N LYS A 193 20.07 -15.06 -9.43
CA LYS A 193 20.45 -14.23 -10.57
C LYS A 193 19.30 -13.35 -11.03
N PHE A 194 18.08 -13.90 -11.11
CA PHE A 194 16.97 -13.03 -11.50
C PHE A 194 16.53 -12.11 -10.36
N ILE A 195 16.78 -12.51 -9.11
CA ILE A 195 16.48 -11.66 -7.97
C ILE A 195 17.34 -10.40 -8.01
N THR A 196 18.63 -10.56 -8.33
CA THR A 196 19.51 -9.41 -8.49
C THR A 196 19.01 -8.47 -9.58
N ILE A 197 18.46 -9.03 -10.65
CA ILE A 197 17.97 -8.19 -11.75
C ILE A 197 16.69 -7.45 -11.35
N PHE A 198 15.68 -8.19 -10.90
CA PHE A 198 14.44 -7.56 -10.47
C PHE A 198 14.65 -6.62 -9.30
N GLY A 199 15.56 -6.97 -8.40
CA GLY A 199 15.69 -6.29 -7.12
C GLY A 199 16.67 -5.14 -7.05
N THR A 200 17.68 -5.10 -7.92
CA THR A 200 18.73 -4.09 -7.81
C THR A 200 18.96 -3.24 -9.05
N ARG A 201 18.43 -3.62 -10.22
CA ARG A 201 18.56 -2.77 -11.39
C ARG A 201 17.67 -1.53 -11.23
N SER A 202 18.01 -0.48 -11.98
CA SER A 202 17.24 0.76 -11.85
C SER A 202 15.87 0.62 -12.49
N VAL A 203 14.96 1.53 -12.11
CA VAL A 203 13.58 1.48 -12.60
C VAL A 203 13.54 1.71 -14.11
N SER A 204 14.21 2.77 -14.57
CA SER A 204 14.27 3.03 -16.02
C SER A 204 14.92 1.87 -16.75
N HIS A 205 16.00 1.30 -16.19
CA HIS A 205 16.62 0.14 -16.80
C HIS A 205 15.64 -1.01 -16.95
N LEU A 206 14.94 -1.38 -15.87
CA LEU A 206 14.05 -2.53 -15.94
C LEU A 206 12.88 -2.31 -16.89
N ARG A 207 12.40 -1.06 -17.00
CA ARG A 207 11.34 -0.78 -17.97
C ARG A 207 11.80 -1.09 -19.39
N LYS A 208 13.07 -0.77 -19.70
CA LYS A 208 13.63 -1.13 -21.00
C LYS A 208 13.82 -2.65 -21.12
N VAL A 209 14.29 -3.29 -20.05
CA VAL A 209 14.44 -4.74 -20.05
C VAL A 209 13.11 -5.41 -20.38
N PHE A 210 12.02 -4.97 -19.73
CA PHE A 210 10.72 -5.56 -19.98
C PHE A 210 10.30 -5.39 -21.44
N ASP A 211 10.58 -4.22 -22.02
CA ASP A 211 10.26 -4.01 -23.42
C ASP A 211 11.10 -4.90 -24.32
N LYS A 212 12.41 -5.00 -24.03
CA LYS A 212 13.27 -5.90 -24.79
C LYS A 212 12.82 -7.35 -24.64
N TYR A 213 12.29 -7.71 -23.47
CA TYR A 213 11.76 -9.06 -23.27
C TYR A 213 10.60 -9.35 -24.21
N MET A 214 9.71 -8.37 -24.42
CA MET A 214 8.63 -8.48 -25.39
C MET A 214 9.14 -8.91 -26.77
N THR A 215 10.07 -8.14 -27.33
CA THR A 215 10.53 -8.43 -28.69
C THR A 215 11.21 -9.79 -28.75
N ILE A 216 12.01 -10.12 -27.73
CA ILE A 216 12.71 -11.41 -27.70
C ILE A 216 11.72 -12.56 -27.68
N SER A 217 10.69 -12.47 -26.83
CA SER A 217 9.85 -13.62 -26.50
C SER A 217 8.50 -13.63 -27.20
N GLY A 218 7.98 -12.48 -27.61
CA GLY A 218 6.65 -12.40 -28.18
C GLY A 218 5.53 -12.20 -27.18
N PHE A 219 5.81 -12.30 -25.87
CA PHE A 219 4.81 -12.03 -24.85
C PHE A 219 5.42 -11.15 -23.77
N GLN A 220 4.55 -10.56 -22.95
CA GLN A 220 5.02 -9.74 -21.84
C GLN A 220 5.42 -10.62 -20.66
N ILE A 221 6.35 -10.11 -19.85
CA ILE A 221 6.94 -10.93 -18.80
C ILE A 221 5.90 -11.40 -17.79
N GLU A 222 4.84 -10.61 -17.57
CA GLU A 222 3.77 -11.01 -16.65
C GLU A 222 3.11 -12.31 -17.08
N GLU A 223 3.09 -12.60 -18.39
CA GLU A 223 2.36 -13.77 -18.87
C GLU A 223 3.04 -15.10 -18.51
N THR A 224 4.25 -15.08 -17.96
CA THR A 224 4.87 -16.30 -17.46
C THR A 224 4.36 -16.71 -16.09
N ILE A 225 3.49 -15.93 -15.46
CA ILE A 225 3.04 -16.18 -14.10
C ILE A 225 1.52 -16.09 -14.05
N ASP A 226 0.87 -17.14 -13.54
CA ASP A 226 -0.57 -17.13 -13.37
C ASP A 226 -0.91 -16.34 -12.11
N ARG A 227 -1.61 -15.22 -12.28
CA ARG A 227 -1.87 -14.33 -11.15
C ARG A 227 -2.62 -15.01 -10.02
N GLU A 228 -3.44 -16.02 -10.33
CA GLU A 228 -4.25 -16.70 -9.34
C GLU A 228 -3.62 -17.98 -8.82
N THR A 229 -2.99 -18.77 -9.68
CA THR A 229 -2.42 -20.05 -9.28
C THR A 229 -0.90 -20.01 -9.28
N SER A 230 -0.32 -19.14 -8.47
CA SER A 230 1.12 -19.03 -8.36
C SER A 230 1.52 -18.90 -6.91
N GLY A 231 2.67 -19.47 -6.58
CA GLY A 231 3.20 -19.39 -5.24
C GLY A 231 3.65 -17.99 -4.88
N ASN A 232 4.22 -17.88 -3.69
CA ASN A 232 4.56 -16.58 -3.13
C ASN A 232 5.64 -15.86 -3.93
N LEU A 233 6.70 -16.57 -4.33
CA LEU A 233 7.74 -15.90 -5.13
C LEU A 233 7.16 -15.35 -6.41
N GLU A 234 6.34 -16.15 -7.10
CA GLU A 234 5.78 -15.71 -8.37
C GLU A 234 4.89 -14.49 -8.19
N GLN A 235 4.09 -14.46 -7.12
CA GLN A 235 3.28 -13.29 -6.82
C GLN A 235 4.14 -12.06 -6.58
N LEU A 236 5.27 -12.24 -5.89
CA LEU A 236 6.17 -11.13 -5.62
C LEU A 236 6.80 -10.60 -6.91
N LEU A 237 7.27 -11.50 -7.78
CA LEU A 237 7.80 -11.06 -9.07
C LEU A 237 6.77 -10.24 -9.82
N LEU A 238 5.51 -10.67 -9.80
CA LEU A 238 4.46 -9.94 -10.48
C LEU A 238 4.27 -8.57 -9.86
N ALA A 239 4.27 -8.49 -8.52
CA ALA A 239 4.13 -7.20 -7.84
C ALA A 239 5.31 -6.29 -8.17
N VAL A 240 6.52 -6.85 -8.22
CA VAL A 240 7.70 -6.05 -8.53
C VAL A 240 7.64 -5.55 -9.98
N VAL A 241 7.32 -6.44 -10.92
CA VAL A 241 7.19 -6.03 -12.33
C VAL A 241 6.17 -4.90 -12.45
N LYS A 242 4.99 -5.09 -11.86
CA LYS A 242 3.94 -4.09 -11.96
C LYS A 242 4.35 -2.78 -11.32
N SER A 243 5.01 -2.84 -10.16
CA SER A 243 5.45 -1.63 -9.49
C SER A 243 6.54 -0.92 -10.28
N ILE A 244 7.45 -1.68 -10.92
CA ILE A 244 8.42 -1.09 -11.83
C ILE A 244 7.72 -0.32 -12.94
N ARG A 245 6.68 -0.90 -13.54
CA ARG A 245 5.95 -0.23 -14.60
C ARG A 245 5.22 1.01 -14.07
N SER A 246 4.54 0.87 -12.93
CA SER A 246 3.77 1.97 -12.36
C SER A 246 3.24 1.56 -11.00
N ILE A 247 3.76 2.18 -9.94
CA ILE A 247 3.22 1.92 -8.60
C ILE A 247 1.72 2.23 -8.51
N PRO A 248 1.24 3.37 -9.00
CA PRO A 248 -0.22 3.60 -9.00
C PRO A 248 -1.02 2.50 -9.70
N ALA A 249 -0.50 1.98 -10.82
CA ALA A 249 -1.23 0.92 -11.52
C ALA A 249 -1.21 -0.37 -10.73
N TYR A 250 -0.07 -0.70 -10.10
CA TYR A 250 -0.02 -1.89 -9.26
C TYR A 250 -1.02 -1.78 -8.12
N LEU A 251 -1.05 -0.65 -7.43
CA LEU A 251 -1.97 -0.49 -6.31
C LEU A 251 -3.42 -0.39 -6.76
N ALA A 252 -3.67 0.15 -7.96
CA ALA A 252 -5.04 0.14 -8.50
C ALA A 252 -5.53 -1.28 -8.74
N GLU A 253 -4.68 -2.13 -9.32
CA GLU A 253 -5.05 -3.51 -9.54
C GLU A 253 -5.27 -4.23 -8.22
N THR A 254 -4.50 -3.86 -7.19
CA THR A 254 -4.69 -4.44 -5.86
C THR A 254 -6.06 -4.08 -5.30
N LEU A 255 -6.48 -2.82 -5.46
CA LEU A 255 -7.83 -2.44 -5.05
C LEU A 255 -8.90 -3.17 -5.86
N TYR A 256 -8.66 -3.32 -7.17
CA TYR A 256 -9.63 -3.96 -8.04
C TYR A 256 -9.93 -5.39 -7.62
N TYR A 257 -8.88 -6.19 -7.42
CA TYR A 257 -9.11 -7.57 -7.00
C TYR A 257 -9.61 -7.66 -5.56
N ALA A 258 -9.42 -6.60 -4.75
CA ALA A 258 -9.95 -6.64 -3.39
C ALA A 258 -11.47 -6.57 -3.38
N MET A 259 -12.07 -5.99 -4.41
CA MET A 259 -13.52 -5.91 -4.48
C MET A 259 -14.16 -6.90 -5.45
N LYS A 260 -13.42 -7.40 -6.43
CA LYS A 260 -14.03 -8.27 -7.42
C LYS A 260 -14.33 -9.66 -6.88
N GLY A 261 -15.38 -10.26 -7.42
CA GLY A 261 -15.79 -11.59 -7.01
C GLY A 261 -16.69 -11.57 -5.79
N ALA A 262 -16.88 -12.77 -5.24
CA ALA A 262 -17.61 -12.90 -3.99
C ALA A 262 -16.80 -12.27 -2.87
N GLY A 263 -17.49 -11.62 -1.96
CA GLY A 263 -16.84 -11.00 -0.81
C GLY A 263 -16.09 -9.74 -1.17
N THR A 264 -15.64 -9.06 -0.12
CA THR A 264 -14.82 -7.86 -0.24
C THR A 264 -13.64 -8.05 0.69
N ASP A 265 -12.43 -7.82 0.17
CA ASP A 265 -11.26 -7.83 1.04
C ASP A 265 -11.15 -6.44 1.66
N ASP A 266 -11.91 -6.24 2.75
CA ASP A 266 -11.95 -4.92 3.38
C ASP A 266 -10.60 -4.52 3.96
N HIS A 267 -9.84 -5.46 4.50
CA HIS A 267 -8.52 -5.12 5.03
C HIS A 267 -7.65 -4.49 3.96
N THR A 268 -7.63 -5.06 2.76
CA THR A 268 -6.81 -4.48 1.70
C THR A 268 -7.38 -3.15 1.22
N LEU A 269 -8.70 -3.07 1.08
CA LEU A 269 -9.35 -1.81 0.69
C LEU A 269 -8.96 -0.68 1.62
N ILE A 270 -9.10 -0.91 2.93
CA ILE A 270 -8.73 0.09 3.92
C ILE A 270 -7.25 0.41 3.82
N ARG A 271 -6.40 -0.63 3.77
CA ARG A 271 -4.96 -0.41 3.84
C ARG A 271 -4.47 0.44 2.68
N VAL A 272 -4.91 0.11 1.46
CA VAL A 272 -4.44 0.88 0.30
C VAL A 272 -4.97 2.30 0.33
N MET A 273 -6.28 2.48 0.58
CA MET A 273 -6.82 3.84 0.56
C MET A 273 -6.14 4.73 1.59
N VAL A 274 -5.91 4.20 2.80
CA VAL A 274 -5.33 5.00 3.86
C VAL A 274 -3.85 5.26 3.58
N SER A 275 -3.09 4.20 3.31
CA SER A 275 -1.64 4.31 3.14
C SER A 275 -1.26 5.24 2.00
N ARG A 276 -2.11 5.34 0.97
CA ARG A 276 -1.80 6.12 -0.24
C ARG A 276 -2.55 7.44 -0.30
N SER A 277 -3.38 7.76 0.71
CA SER A 277 -4.27 8.90 0.67
C SER A 277 -3.53 10.23 0.49
N GLU A 278 -2.27 10.31 0.93
CA GLU A 278 -1.51 11.55 0.82
C GLU A 278 -0.27 11.38 -0.05
N ILE A 279 -0.26 10.38 -0.93
CA ILE A 279 0.89 10.10 -1.79
C ILE A 279 0.43 10.07 -3.23
N ASP A 280 -0.36 9.04 -3.60
CA ASP A 280 -0.66 8.82 -5.01
C ASP A 280 -2.07 8.29 -5.27
N LEU A 281 -3.01 8.45 -4.31
CA LEU A 281 -4.34 7.89 -4.51
C LEU A 281 -5.06 8.50 -5.71
N PHE A 282 -4.77 9.77 -6.04
CA PHE A 282 -5.34 10.34 -7.26
C PHE A 282 -4.85 9.57 -8.50
N ASN A 283 -3.55 9.29 -8.57
CA ASN A 283 -3.02 8.54 -9.71
C ASN A 283 -3.55 7.11 -9.73
N ILE A 284 -3.69 6.49 -8.55
CA ILE A 284 -4.32 5.17 -8.46
C ILE A 284 -5.71 5.19 -9.08
N ARG A 285 -6.51 6.19 -8.72
CA ARG A 285 -7.85 6.33 -9.31
C ARG A 285 -7.79 6.40 -10.83
N LYS A 286 -6.83 7.16 -11.37
CA LYS A 286 -6.72 7.31 -12.82
C LYS A 286 -6.38 5.99 -13.50
N GLU A 287 -5.42 5.25 -12.93
CA GLU A 287 -5.08 3.95 -13.48
C GLU A 287 -6.24 2.97 -13.34
N PHE A 288 -6.95 3.05 -12.21
CA PHE A 288 -8.09 2.16 -11.98
C PHE A 288 -9.14 2.34 -13.07
N ARG A 289 -9.51 3.60 -13.36
CA ARG A 289 -10.54 3.87 -14.36
C ARG A 289 -10.06 3.47 -15.74
N LYS A 290 -8.80 3.76 -16.05
CA LYS A 290 -8.25 3.43 -17.37
C LYS A 290 -8.20 1.92 -17.59
N ASN A 291 -7.88 1.15 -16.55
CA ASN A 291 -7.59 -0.26 -16.74
C ASN A 291 -8.77 -1.18 -16.48
N PHE A 292 -9.78 -0.75 -15.73
CA PHE A 292 -10.86 -1.65 -15.34
C PHE A 292 -12.24 -1.16 -15.78
N ALA A 293 -12.29 -0.10 -16.58
CA ALA A 293 -13.50 0.39 -17.25
C ALA A 293 -14.55 0.94 -16.29
N THR A 294 -14.18 1.17 -15.04
CA THR A 294 -15.11 1.71 -14.07
C THR A 294 -14.28 2.45 -13.03
N SER A 295 -14.93 3.34 -12.30
CA SER A 295 -14.22 4.16 -11.34
C SER A 295 -14.12 3.46 -9.99
N LEU A 296 -13.09 3.82 -9.23
CA LEU A 296 -12.95 3.32 -7.87
C LEU A 296 -14.16 3.72 -7.02
N TYR A 297 -14.60 4.96 -7.17
CA TYR A 297 -15.79 5.46 -6.48
C TYR A 297 -16.98 4.54 -6.72
N SER A 298 -17.26 4.20 -7.98
CA SER A 298 -18.42 3.37 -8.30
C SER A 298 -18.28 1.98 -7.68
N MET A 299 -17.06 1.45 -7.61
CA MET A 299 -16.87 0.11 -7.04
C MET A 299 -17.12 0.13 -5.53
N ILE A 300 -16.55 1.11 -4.84
CA ILE A 300 -16.79 1.28 -3.41
C ILE A 300 -18.28 1.44 -3.15
N LYS A 301 -18.93 2.34 -3.89
CA LYS A 301 -20.35 2.61 -3.69
C LYS A 301 -21.17 1.34 -3.83
N GLY A 302 -20.89 0.54 -4.84
CA GLY A 302 -21.69 -0.65 -5.07
C GLY A 302 -21.47 -1.74 -4.03
N ASP A 303 -20.27 -1.82 -3.46
CA ASP A 303 -19.88 -2.96 -2.65
C ASP A 303 -19.91 -2.72 -1.14
N THR A 304 -20.00 -1.49 -0.66
CA THR A 304 -19.86 -1.24 0.78
C THR A 304 -21.12 -0.58 1.32
N SER A 305 -21.13 -0.30 2.62
CA SER A 305 -22.36 0.15 3.26
C SER A 305 -22.09 1.15 4.37
N GLY A 306 -23.13 1.92 4.69
CA GLY A 306 -23.17 2.74 5.90
C GLY A 306 -22.12 3.83 5.96
N ASP A 307 -21.73 4.15 7.20
CA ASP A 307 -20.75 5.21 7.41
C ASP A 307 -19.38 4.81 6.89
N TYR A 308 -19.08 3.50 6.89
CA TYR A 308 -17.85 3.00 6.28
C TYR A 308 -17.78 3.41 4.82
N LYS A 309 -18.86 3.15 4.08
CA LYS A 309 -18.95 3.58 2.69
C LYS A 309 -18.80 5.10 2.56
N LYS A 310 -19.53 5.86 3.39
CA LYS A 310 -19.43 7.33 3.30
C LYS A 310 -17.99 7.79 3.47
N ALA A 311 -17.28 7.22 4.45
CA ALA A 311 -15.93 7.65 4.71
C ALA A 311 -15.00 7.25 3.57
N LEU A 312 -15.19 6.04 3.03
CA LEU A 312 -14.36 5.57 1.92
C LEU A 312 -14.56 6.45 0.69
N LEU A 313 -15.81 6.86 0.43
CA LEU A 313 -16.08 7.73 -0.71
C LEU A 313 -15.46 9.11 -0.54
N LEU A 314 -15.47 9.65 0.67
CA LEU A 314 -14.80 10.92 0.92
C LEU A 314 -13.28 10.79 0.74
N LEU A 315 -12.70 9.67 1.20
CA LEU A 315 -11.28 9.44 0.96
C LEU A 315 -11.00 9.34 -0.53
N CYS A 316 -11.87 8.64 -1.27
CA CYS A 316 -11.70 8.55 -2.71
C CYS A 316 -11.69 9.93 -3.34
N GLY A 317 -12.48 10.85 -2.78
CA GLY A 317 -12.46 12.23 -3.20
C GLY A 317 -13.52 12.55 -4.24
N GLU A 318 -13.45 11.89 -5.40
CA GLU A 318 -14.37 12.17 -6.49
C GLU A 318 -14.63 10.88 -7.24
N ASP A 319 -15.71 10.87 -7.99
CA ASP A 319 -15.91 9.87 -9.01
C ASP A 319 -15.04 10.23 -10.21
N ASP A 320 -14.75 9.24 -11.06
CA ASP A 320 -13.97 9.42 -12.27
C ASP A 320 -14.74 8.83 -13.45
N CYS A 321 -14.70 9.50 -14.60
CA CYS A 321 -15.05 8.85 -15.86
C CYS A 321 -14.42 9.56 -17.05
CA CA B . 0.39 -16.15 2.95
CA CA C . -0.50 -15.64 0.71
CA CA D . 13.13 9.63 1.85
CA CA E . -16.81 -6.12 -3.25
CA CA F . -24.52 2.97 8.57
CA CA G . -17.36 11.99 -15.73
CA CA H . -23.31 9.89 9.22
CA CA I . 13.29 -24.90 -8.64
#